data_4REL
#
_entry.id   4REL
#
_cell.length_a   50.042
_cell.length_b   55.137
_cell.length_c   85.880
_cell.angle_alpha   90.00
_cell.angle_beta   104.92
_cell.angle_gamma   90.00
#
_symmetry.space_group_name_H-M   'P 1 21 1'
#
loop_
_entity.id
_entity.type
_entity.pdbx_description
1 polymer 'UDP-glucose:anthocyanidin 3-O-glucosyltransferase'
2 non-polymer 3,5,7-TRIHYDROXY-2-(4-HYDROXYPHENYL)-4H-CHROMEN-4-ONE
3 non-polymer GLYCEROL
4 non-polymer 'ACETATE ION'
5 water water
#
_entity_poly.entity_id   1
_entity_poly.type   'polypeptide(L)'
_entity_poly.pdbx_seq_one_letter_code
;MKNKQHVAIFPFPFGSHLPPLLNLVLKLAHIAPNTSFSFIGTHSSNAFLFTKRHIPNNIRVFTISDGIPEGHVPANNPIE
KLDLFLSTGPDNLRKGIELAVAETKQSVTCIIADAFVTSSLLVAQTLNVPWIAFWPNVSCSLSLYFNIDLIRDKCSKDAK
NATLDFLPGLSKLRVEDVPQDMLDVGEKETLFSRTLNSLGVVLPQAKAVVVNFFAELDPPLFVKYMRSKLQSLLYVVPLP
CPQLLLPEIDSNGCLSWLDSKSSRSVAYVCFGTVVSPPPQEVVAVAEALEESGFPFVWALKESLLSILPKGFVERTSTRG
KVVSWVPQSHVLSHGSVGVFVTHCGANSVMESVSNGVPMICRPFFGDQGIAARVIQDIWEVGVIVEGKVFTKNGFVKSLN
LILVQEDGKKIRDNALKVKQIVQDAVGPHGQAAEDFNTLVEVISSS
;
_entity_poly.pdbx_strand_id   A
#
# COMPACT_ATOMS: atom_id res chain seq x y z
N MET A 1 22.35 -6.55 -33.27
CA MET A 1 21.26 -5.58 -33.29
C MET A 1 21.37 -4.70 -32.06
N LYS A 2 21.04 -3.41 -32.21
CA LYS A 2 20.98 -2.54 -31.05
C LYS A 2 19.72 -2.82 -30.22
N ASN A 3 19.89 -3.01 -28.91
CA ASN A 3 18.73 -3.15 -28.05
C ASN A 3 17.97 -1.83 -28.02
N LYS A 4 16.69 -1.89 -28.36
CA LYS A 4 15.88 -0.68 -28.40
C LYS A 4 14.71 -0.78 -27.44
N GLN A 5 14.77 -1.73 -26.51
CA GLN A 5 13.70 -1.87 -25.50
C GLN A 5 13.67 -0.68 -24.57
N HIS A 6 12.50 -0.09 -24.40
CA HIS A 6 12.38 1.15 -23.66
C HIS A 6 11.05 1.21 -22.94
N VAL A 7 11.10 1.09 -21.62
CA VAL A 7 9.89 1.04 -20.80
C VAL A 7 9.67 2.42 -20.18
N ALA A 8 8.47 2.97 -20.37
CA ALA A 8 8.12 4.20 -19.70
C ALA A 8 7.27 3.84 -18.50
N ILE A 9 7.53 4.50 -17.37
CA ILE A 9 6.86 4.17 -16.13
C ILE A 9 6.17 5.38 -15.55
N PHE A 10 4.87 5.23 -15.24
CA PHE A 10 4.08 6.31 -14.63
C PHE A 10 3.59 5.92 -13.24
N PRO A 11 4.27 6.38 -12.19
CA PRO A 11 3.69 6.19 -10.86
C PRO A 11 2.45 7.05 -10.69
N PHE A 12 1.58 6.65 -9.75
CA PHE A 12 0.62 7.57 -9.16
C PHE A 12 1.50 8.38 -8.20
N PRO A 13 1.68 9.69 -8.50
CA PRO A 13 2.81 10.43 -7.93
C PRO A 13 2.58 10.95 -6.51
N PHE A 14 2.17 10.03 -5.64
CA PHE A 14 1.79 10.37 -4.26
C PHE A 14 2.28 9.34 -3.27
N GLY A 15 3.04 9.81 -2.27
CA GLY A 15 3.45 9.02 -1.13
C GLY A 15 3.60 7.52 -1.27
N SER A 16 2.61 6.79 -0.77
CA SER A 16 2.71 5.34 -0.60
C SER A 16 2.77 4.57 -1.91
N HIS A 17 2.38 5.21 -3.01
CA HIS A 17 2.45 4.55 -4.31
C HIS A 17 3.84 4.58 -4.93
N LEU A 18 4.71 5.42 -4.40
CA LEU A 18 6.00 5.66 -5.03
C LEU A 18 7.09 4.61 -4.77
N PRO A 19 7.38 4.30 -3.49
CA PRO A 19 8.41 3.27 -3.30
C PRO A 19 8.10 1.89 -3.93
N PRO A 20 6.85 1.37 -3.84
CA PRO A 20 6.65 0.04 -4.44
C PRO A 20 6.91 -0.01 -5.95
N LEU A 21 6.61 1.06 -6.68
CA LEU A 21 6.83 1.03 -8.11
C LEU A 21 8.32 1.20 -8.43
N LEU A 22 9.01 2.07 -7.68
CA LEU A 22 10.46 2.17 -7.89
C LEU A 22 11.11 0.85 -7.57
N ASN A 23 10.62 0.18 -6.53
CA ASN A 23 11.13 -1.12 -6.14
C ASN A 23 11.06 -2.10 -7.32
N LEU A 24 9.90 -2.15 -7.95
CA LEU A 24 9.72 -3.04 -9.10
C LEU A 24 10.63 -2.66 -10.26
N VAL A 25 10.68 -1.37 -10.58
CA VAL A 25 11.54 -0.90 -11.68
C VAL A 25 13.02 -1.20 -11.41
N LEU A 26 13.45 -1.03 -10.16
CA LEU A 26 14.83 -1.37 -9.80
C LEU A 26 15.13 -2.85 -10.10
N LYS A 27 14.18 -3.73 -9.77
CA LYS A 27 14.37 -5.16 -10.01
C LYS A 27 14.45 -5.45 -11.50
N LEU A 28 13.54 -4.84 -12.26
CA LEU A 28 13.51 -5.02 -13.71
C LEU A 28 14.77 -4.46 -14.37
N ALA A 29 15.21 -3.29 -13.90
CA ALA A 29 16.39 -2.66 -14.47
C ALA A 29 17.66 -3.47 -14.19
N HIS A 30 17.71 -4.11 -13.03
CA HIS A 30 18.89 -4.90 -12.67
CA HIS A 30 18.89 -4.90 -12.67
C HIS A 30 19.01 -6.16 -13.53
N ILE A 31 17.88 -6.78 -13.83
CA ILE A 31 17.90 -8.03 -14.59
C ILE A 31 18.00 -7.78 -16.09
N ALA A 32 17.63 -6.57 -16.51
CA ALA A 32 17.71 -6.18 -17.91
C ALA A 32 18.50 -4.89 -18.08
N PRO A 33 19.81 -4.93 -17.82
CA PRO A 33 20.61 -3.70 -17.91
C PRO A 33 20.74 -3.13 -19.32
N ASN A 34 20.40 -3.90 -20.35
CA ASN A 34 20.43 -3.39 -21.72
C ASN A 34 19.14 -2.66 -22.14
N THR A 35 18.19 -2.61 -21.22
CA THR A 35 16.87 -2.01 -21.50
C THR A 35 16.77 -0.68 -20.77
N SER A 36 16.17 0.31 -21.42
CA SER A 36 15.99 1.64 -20.84
C SER A 36 14.71 1.70 -20.03
N PHE A 37 14.78 2.28 -18.85
CA PHE A 37 13.62 2.49 -18.00
C PHE A 37 13.49 3.98 -17.71
N SER A 38 12.37 4.55 -18.11
CA SER A 38 12.15 5.99 -17.99
C SER A 38 11.04 6.24 -17.00
N PHE A 39 11.41 6.76 -15.84
CA PHE A 39 10.49 6.94 -14.70
C PHE A 39 9.98 8.38 -14.74
N ILE A 40 8.67 8.54 -14.92
CA ILE A 40 8.09 9.83 -15.22
C ILE A 40 7.20 10.27 -14.05
N GLY A 41 7.68 11.22 -13.27
CA GLY A 41 6.93 11.69 -12.10
C GLY A 41 6.77 13.20 -12.10
N THR A 42 6.23 13.74 -11.02
CA THR A 42 6.11 15.19 -10.88
C THR A 42 7.35 15.69 -10.14
N HIS A 43 7.51 17.00 -10.04
CA HIS A 43 8.65 17.53 -9.31
C HIS A 43 8.60 17.03 -7.87
N SER A 44 7.42 17.10 -7.26
CA SER A 44 7.29 16.66 -5.88
C SER A 44 7.48 15.14 -5.70
N SER A 45 7.01 14.33 -6.65
CA SER A 45 7.16 12.88 -6.50
C SER A 45 8.61 12.46 -6.77
N ASN A 46 9.26 13.16 -7.69
CA ASN A 46 10.66 12.87 -7.98
C ASN A 46 11.54 13.29 -6.80
N ALA A 47 11.22 14.41 -6.17
CA ALA A 47 11.97 14.84 -4.99
C ALA A 47 11.85 13.78 -3.89
N PHE A 48 10.62 13.29 -3.71
CA PHE A 48 10.32 12.29 -2.69
C PHE A 48 11.15 11.01 -2.87
N LEU A 49 11.27 10.52 -4.10
CA LEU A 49 11.98 9.26 -4.36
C LEU A 49 13.48 9.39 -4.55
N PHE A 50 13.91 10.44 -5.25
CA PHE A 50 15.27 10.43 -5.80
C PHE A 50 16.26 11.39 -5.16
N THR A 51 15.86 12.12 -4.13
CA THR A 51 16.76 13.08 -3.51
C THR A 51 18.03 12.42 -2.94
N LYS A 52 17.85 11.44 -2.06
CA LYS A 52 18.97 10.89 -1.30
C LYS A 52 19.53 9.63 -1.96
N ARG A 53 19.09 9.36 -3.18
CA ARG A 53 19.12 8.01 -3.73
C ARG A 53 19.96 7.89 -5.01
N HIS A 54 20.83 6.89 -5.08
CA HIS A 54 21.56 6.58 -6.31
C HIS A 54 20.77 5.56 -7.13
N ILE A 55 20.69 5.77 -8.44
CA ILE A 55 19.95 4.85 -9.29
C ILE A 55 20.83 4.30 -10.39
N PRO A 56 20.55 3.06 -10.82
CA PRO A 56 21.31 2.43 -11.90
C PRO A 56 21.29 3.25 -13.19
N ASN A 57 22.27 3.00 -14.04
CA ASN A 57 22.47 3.79 -15.25
C ASN A 57 21.34 3.70 -16.26
N ASN A 58 20.61 2.58 -16.24
CA ASN A 58 19.53 2.40 -17.20
C ASN A 58 18.15 2.90 -16.73
N ILE A 59 18.12 3.57 -15.58
CA ILE A 59 16.93 4.25 -15.11
C ILE A 59 17.16 5.76 -15.22
N ARG A 60 16.26 6.46 -15.89
CA ARG A 60 16.37 7.90 -16.03
C ARG A 60 15.08 8.50 -15.53
N VAL A 61 15.18 9.68 -14.92
CA VAL A 61 14.01 10.29 -14.28
C VAL A 61 13.58 11.54 -15.05
N PHE A 62 12.28 11.62 -15.33
CA PHE A 62 11.73 12.77 -16.06
C PHE A 62 10.60 13.40 -15.28
N THR A 63 10.34 14.68 -15.54
CA THR A 63 9.38 15.44 -14.76
C THR A 63 8.23 15.98 -15.61
N ILE A 64 7.01 15.74 -15.15
CA ILE A 64 5.81 16.31 -15.78
C ILE A 64 5.03 17.16 -14.78
N SER A 65 4.00 17.86 -15.26
CA SER A 65 3.22 18.76 -14.40
C SER A 65 2.46 18.04 -13.29
N ASP A 66 2.32 18.68 -12.13
CA ASP A 66 1.46 18.15 -11.07
C ASP A 66 0.03 18.65 -11.14
N GLY A 67 -0.24 19.55 -12.09
CA GLY A 67 -1.60 20.04 -12.29
C GLY A 67 -1.98 21.17 -11.35
N ILE A 68 -1.01 21.63 -10.57
CA ILE A 68 -1.24 22.72 -9.64
C ILE A 68 -0.65 23.98 -10.25
N PRO A 69 -1.49 24.87 -10.81
CA PRO A 69 -0.94 26.07 -11.43
C PRO A 69 -0.24 26.94 -10.39
N GLU A 70 0.83 27.63 -10.78
CA GLU A 70 1.53 28.47 -9.83
C GLU A 70 0.56 29.48 -9.25
N GLY A 71 0.60 29.65 -7.92
CA GLY A 71 -0.29 30.58 -7.25
C GLY A 71 -1.43 29.86 -6.56
N HIS A 72 -1.78 28.67 -7.04
CA HIS A 72 -2.85 27.92 -6.40
C HIS A 72 -2.33 27.26 -5.11
N VAL A 73 -3.19 27.25 -4.10
CA VAL A 73 -2.90 26.62 -2.82
C VAL A 73 -4.01 25.61 -2.51
N PRO A 74 -3.73 24.31 -2.71
CA PRO A 74 -4.76 23.31 -2.45
C PRO A 74 -5.22 23.30 -1.00
N ALA A 75 -6.48 22.92 -0.78
CA ALA A 75 -7.02 22.79 0.56
C ALA A 75 -6.37 21.61 1.26
N ASN A 76 -6.46 21.57 2.59
CA ASN A 76 -5.91 20.48 3.36
C ASN A 76 -6.86 19.28 3.37
N ASN A 77 -7.01 18.65 2.21
CA ASN A 77 -7.75 17.40 2.14
C ASN A 77 -7.08 16.50 1.13
N PRO A 78 -7.05 15.20 1.41
CA PRO A 78 -6.14 14.28 0.72
C PRO A 78 -6.53 13.99 -0.73
N ILE A 79 -7.63 14.54 -1.22
CA ILE A 79 -8.08 14.19 -2.56
C ILE A 79 -7.73 15.27 -3.60
N GLU A 80 -7.66 16.52 -3.16
CA GLU A 80 -7.48 17.63 -4.11
C GLU A 80 -6.27 17.47 -5.03
N LYS A 81 -5.10 17.20 -4.46
CA LYS A 81 -3.91 17.08 -5.30
C LYS A 81 -4.00 15.89 -6.24
N LEU A 82 -4.70 14.84 -5.82
CA LEU A 82 -4.93 13.69 -6.69
C LEU A 82 -5.77 14.09 -7.90
N ASP A 83 -6.88 14.78 -7.64
CA ASP A 83 -7.73 15.27 -8.74
C ASP A 83 -6.94 16.15 -9.70
N LEU A 84 -6.15 17.08 -9.14
CA LEU A 84 -5.42 18.05 -9.97
C LEU A 84 -4.42 17.34 -10.87
N PHE A 85 -3.70 16.37 -10.33
CA PHE A 85 -2.82 15.59 -11.19
C PHE A 85 -3.59 14.81 -12.25
N LEU A 86 -4.64 14.11 -11.84
CA LEU A 86 -5.38 13.30 -12.80
C LEU A 86 -5.98 14.19 -13.89
N SER A 87 -6.34 15.42 -13.54
CA SER A 87 -6.96 16.33 -14.51
C SER A 87 -6.01 16.76 -15.63
N THR A 88 -4.71 16.50 -15.48
CA THR A 88 -3.76 16.90 -16.51
C THR A 88 -3.83 16.01 -17.75
N GLY A 89 -4.48 14.85 -17.61
CA GLY A 89 -4.81 14.02 -18.76
C GLY A 89 -3.64 13.38 -19.46
N PRO A 90 -3.94 12.69 -20.57
CA PRO A 90 -2.87 11.97 -21.27
C PRO A 90 -1.85 12.91 -21.91
N ASP A 91 -2.23 14.14 -22.26
CA ASP A 91 -1.24 15.03 -22.87
C ASP A 91 -0.07 15.38 -21.95
N ASN A 92 -0.34 15.52 -20.66
CA ASN A 92 0.73 15.72 -19.70
C ASN A 92 1.63 14.50 -19.64
N LEU A 93 1.02 13.31 -19.68
CA LEU A 93 1.81 12.09 -19.69
C LEU A 93 2.66 12.00 -20.95
N ARG A 94 2.12 12.45 -22.07
CA ARG A 94 2.86 12.39 -23.33
CA ARG A 94 2.86 12.38 -23.33
C ARG A 94 4.01 13.37 -23.37
N LYS A 95 3.97 14.39 -22.52
CA LYS A 95 5.12 15.28 -22.41
C LYS A 95 6.27 14.47 -21.77
N GLY A 96 5.94 13.63 -20.80
CA GLY A 96 6.91 12.72 -20.23
C GLY A 96 7.49 11.77 -21.26
N ILE A 97 6.62 11.22 -22.12
CA ILE A 97 7.10 10.30 -23.16
C ILE A 97 8.08 11.04 -24.07
N GLU A 98 7.74 12.28 -24.42
CA GLU A 98 8.59 13.07 -25.30
C GLU A 98 9.98 13.24 -24.70
N LEU A 99 10.06 13.67 -23.44
CA LEU A 99 11.35 13.81 -22.78
C LEU A 99 12.15 12.51 -22.76
N ALA A 100 11.47 11.39 -22.52
CA ALA A 100 12.13 10.08 -22.46
C ALA A 100 12.65 9.65 -23.84
N VAL A 101 11.85 9.89 -24.86
CA VAL A 101 12.24 9.53 -26.21
C VAL A 101 13.40 10.41 -26.66
N ALA A 102 13.36 11.69 -26.31
CA ALA A 102 14.43 12.62 -26.71
C ALA A 102 15.77 12.24 -26.07
N GLU A 103 15.74 11.84 -24.80
CA GLU A 103 16.97 11.53 -24.07
CA GLU A 103 16.97 11.53 -24.09
C GLU A 103 17.56 10.19 -24.51
N THR A 104 16.69 9.18 -24.64
CA THR A 104 17.14 7.83 -24.97
C THR A 104 17.35 7.61 -26.46
N LYS A 105 16.73 8.47 -27.27
CA LYS A 105 16.66 8.31 -28.72
C LYS A 105 15.96 7.01 -29.14
N GLN A 106 15.09 6.52 -28.25
CA GLN A 106 14.38 5.26 -28.47
C GLN A 106 12.90 5.46 -28.29
N SER A 107 12.10 4.98 -29.23
CA SER A 107 10.66 4.98 -29.07
C SER A 107 10.34 4.07 -27.88
N VAL A 108 9.30 4.42 -27.14
CA VAL A 108 8.80 3.56 -26.06
C VAL A 108 8.24 2.25 -26.61
N THR A 109 8.57 1.13 -25.97
CA THR A 109 8.07 -0.17 -26.44
C THR A 109 7.06 -0.80 -25.48
N CYS A 110 6.94 -0.23 -24.27
CA CYS A 110 6.10 -0.83 -23.24
C CYS A 110 5.86 0.22 -22.16
N ILE A 111 4.67 0.24 -21.59
CA ILE A 111 4.39 1.14 -20.47
C ILE A 111 4.01 0.32 -19.25
N ILE A 112 4.61 0.67 -18.12
CA ILE A 112 4.16 0.17 -16.82
C ILE A 112 3.61 1.37 -16.09
N ALA A 113 2.41 1.25 -15.56
CA ALA A 113 1.81 2.36 -14.85
C ALA A 113 1.04 1.90 -13.63
N ASP A 114 1.07 2.72 -12.58
CA ASP A 114 0.18 2.51 -11.45
C ASP A 114 -1.23 2.49 -12.03
N ALA A 115 -2.05 1.52 -11.62
CA ALA A 115 -3.40 1.36 -12.18
C ALA A 115 -4.25 2.63 -12.09
N PHE A 116 -3.99 3.47 -11.09
CA PHE A 116 -4.81 4.68 -10.93
C PHE A 116 -4.57 5.70 -12.04
N VAL A 117 -3.41 5.63 -12.70
CA VAL A 117 -3.13 6.57 -13.78
C VAL A 117 -3.73 6.02 -15.06
N THR A 118 -5.06 6.03 -15.12
CA THR A 118 -5.75 5.36 -16.21
C THR A 118 -5.51 6.06 -17.55
N SER A 119 -5.19 7.35 -17.53
CA SER A 119 -4.87 8.06 -18.77
C SER A 119 -3.66 7.45 -19.49
N SER A 120 -2.81 6.75 -18.76
CA SER A 120 -1.64 6.14 -19.38
C SER A 120 -2.01 4.97 -20.29
N LEU A 121 -3.20 4.40 -20.11
CA LEU A 121 -3.65 3.37 -21.05
C LEU A 121 -3.93 3.98 -22.41
N LEU A 122 -4.51 5.19 -22.42
CA LEU A 122 -4.75 5.90 -23.67
C LEU A 122 -3.43 6.19 -24.37
N VAL A 123 -2.42 6.53 -23.58
CA VAL A 123 -1.08 6.81 -24.10
C VAL A 123 -0.51 5.54 -24.74
N ALA A 124 -0.64 4.43 -24.04
CA ALA A 124 -0.13 3.16 -24.57
C ALA A 124 -0.86 2.78 -25.86
N GLN A 125 -2.17 3.02 -25.90
CA GLN A 125 -2.95 2.67 -27.08
C GLN A 125 -2.56 3.54 -28.28
N THR A 126 -2.30 4.81 -28.03
CA THR A 126 -1.83 5.73 -29.06
C THR A 126 -0.49 5.30 -29.65
N LEU A 127 0.41 4.83 -28.79
CA LEU A 127 1.73 4.39 -29.23
C LEU A 127 1.71 2.96 -29.78
N ASN A 128 0.58 2.28 -29.58
CA ASN A 128 0.45 0.85 -29.88
C ASN A 128 1.50 0.00 -29.16
N VAL A 129 1.59 0.18 -27.84
CA VAL A 129 2.49 -0.63 -27.01
C VAL A 129 1.68 -1.27 -25.90
N PRO A 130 2.19 -2.39 -25.34
CA PRO A 130 1.48 -2.99 -24.20
C PRO A 130 1.41 -2.07 -22.98
N TRP A 131 0.30 -2.18 -22.26
CA TRP A 131 0.11 -1.44 -21.03
C TRP A 131 0.05 -2.41 -19.86
N ILE A 132 0.97 -2.25 -18.93
CA ILE A 132 1.08 -3.14 -17.78
C ILE A 132 0.67 -2.34 -16.55
N ALA A 133 -0.39 -2.77 -15.88
CA ALA A 133 -0.91 -2.04 -14.73
C ALA A 133 -0.32 -2.61 -13.44
N PHE A 134 0.10 -1.70 -12.55
CA PHE A 134 0.72 -2.08 -11.28
C PHE A 134 -0.27 -1.77 -10.16
N TRP A 135 -0.42 -2.72 -9.23
CA TRP A 135 -1.40 -2.61 -8.15
C TRP A 135 -0.74 -2.71 -6.78
N PRO A 136 -0.44 -1.54 -6.17
CA PRO A 136 0.23 -1.56 -4.86
C PRO A 136 -0.75 -1.41 -3.70
N ASN A 137 -2.03 -1.63 -3.96
CA ASN A 137 -3.05 -1.49 -2.92
C ASN A 137 -3.36 -2.84 -2.32
N VAL A 138 -4.42 -2.90 -1.52
CA VAL A 138 -4.82 -4.19 -0.97
C VAL A 138 -5.21 -5.08 -2.14
N SER A 139 -4.55 -6.23 -2.24
CA SER A 139 -4.74 -7.14 -3.37
C SER A 139 -6.22 -7.46 -3.58
N CYS A 140 -6.91 -7.83 -2.50
CA CYS A 140 -8.32 -8.23 -2.58
C CYS A 140 -9.27 -7.16 -3.11
N SER A 141 -8.91 -5.89 -3.00
CA SER A 141 -9.83 -4.83 -3.42
C SER A 141 -10.01 -4.80 -4.92
N LEU A 142 -9.13 -5.49 -5.67
CA LEU A 142 -9.29 -5.58 -7.14
C LEU A 142 -10.70 -6.04 -7.53
N SER A 143 -11.26 -6.96 -6.76
N SER A 143 -11.26 -6.95 -6.75
CA SER A 143 -12.55 -7.54 -7.09
CA SER A 143 -12.56 -7.55 -7.09
C SER A 143 -13.69 -6.53 -7.08
C SER A 143 -13.71 -6.55 -7.05
N LEU A 144 -13.58 -5.54 -6.19
CA LEU A 144 -14.63 -4.55 -6.03
C LEU A 144 -14.98 -3.84 -7.34
N TYR A 145 -13.95 -3.53 -8.13
CA TYR A 145 -14.12 -2.69 -9.31
C TYR A 145 -14.82 -3.38 -10.47
N PHE A 146 -14.98 -4.70 -10.36
CA PHE A 146 -15.75 -5.46 -11.33
C PHE A 146 -17.18 -5.72 -10.89
N ASN A 147 -17.57 -5.13 -9.76
CA ASN A 147 -18.87 -5.41 -9.16
C ASN A 147 -19.50 -4.17 -8.53
N ILE A 148 -19.24 -3.00 -9.13
CA ILE A 148 -19.69 -1.75 -8.54
C ILE A 148 -21.22 -1.67 -8.38
N ASP A 149 -21.95 -2.09 -9.41
CA ASP A 149 -23.42 -2.01 -9.33
C ASP A 149 -23.99 -2.91 -8.23
N LEU A 150 -23.46 -4.12 -8.11
CA LEU A 150 -23.92 -5.04 -7.06
C LEU A 150 -23.58 -4.48 -5.69
N ILE A 151 -22.37 -3.93 -5.58
CA ILE A 151 -21.91 -3.39 -4.31
C ILE A 151 -22.76 -2.18 -3.90
N ARG A 152 -23.00 -1.26 -4.82
CA ARG A 152 -23.81 -0.08 -4.51
C ARG A 152 -25.22 -0.49 -4.12
N ASP A 153 -25.77 -1.46 -4.83
CA ASP A 153 -27.13 -1.91 -4.52
C ASP A 153 -27.19 -2.53 -3.12
N LYS A 154 -26.24 -3.41 -2.82
CA LYS A 154 -26.20 -4.04 -1.51
C LYS A 154 -25.95 -3.03 -0.39
N CYS A 155 -25.01 -2.10 -0.61
CA CYS A 155 -24.71 -1.11 0.43
C CYS A 155 -25.89 -0.20 0.69
N SER A 156 -26.72 0.00 -0.32
CA SER A 156 -27.88 0.88 -0.18
C SER A 156 -29.08 0.19 0.47
N LYS A 157 -29.26 -1.10 0.21
CA LYS A 157 -30.47 -1.81 0.61
C LYS A 157 -30.30 -2.71 1.84
N ASP A 158 -29.14 -3.34 1.94
CA ASP A 158 -28.91 -4.37 2.95
C ASP A 158 -28.32 -3.83 4.24
N ALA A 159 -28.12 -4.70 5.23
CA ALA A 159 -27.61 -4.30 6.54
C ALA A 159 -26.12 -3.99 6.45
N LYS A 160 -25.60 -3.26 7.42
CA LYS A 160 -24.20 -2.83 7.36
C LYS A 160 -23.22 -3.99 7.52
N ASN A 161 -23.65 -5.05 8.19
CA ASN A 161 -22.81 -6.23 8.36
C ASN A 161 -23.12 -7.35 7.38
N ALA A 162 -23.90 -7.05 6.34
CA ALA A 162 -24.25 -8.05 5.33
C ALA A 162 -23.01 -8.40 4.53
N THR A 163 -22.86 -9.68 4.19
CA THR A 163 -21.66 -10.16 3.52
C THR A 163 -21.76 -10.02 2.01
N LEU A 164 -20.61 -9.88 1.35
CA LEU A 164 -20.57 -9.68 -0.10
C LEU A 164 -20.35 -11.03 -0.78
N ASP A 165 -21.31 -11.92 -0.60
CA ASP A 165 -21.14 -13.30 -1.06
C ASP A 165 -20.94 -13.41 -2.57
N PHE A 166 -21.36 -12.38 -3.31
CA PHE A 166 -21.24 -12.41 -4.78
C PHE A 166 -19.80 -12.26 -5.29
N LEU A 167 -18.86 -11.97 -4.37
CA LEU A 167 -17.45 -11.89 -4.73
C LEU A 167 -16.78 -13.21 -4.41
N PRO A 168 -16.39 -13.97 -5.45
CA PRO A 168 -15.77 -15.28 -5.18
C PRO A 168 -14.52 -15.15 -4.30
N GLY A 169 -14.48 -15.97 -3.26
CA GLY A 169 -13.34 -16.02 -2.34
C GLY A 169 -13.37 -14.93 -1.28
N LEU A 170 -14.29 -13.98 -1.42
CA LEU A 170 -14.29 -12.81 -0.55
C LEU A 170 -15.63 -12.63 0.17
N SER A 171 -16.27 -13.73 0.48
CA SER A 171 -17.57 -13.71 1.17
C SER A 171 -17.49 -13.16 2.59
N LYS A 172 -16.27 -13.08 3.16
CA LYS A 172 -16.13 -12.46 4.47
C LYS A 172 -16.22 -10.95 4.44
N LEU A 173 -16.03 -10.33 3.27
CA LEU A 173 -16.13 -8.88 3.15
C LEU A 173 -17.58 -8.45 3.40
N ARG A 174 -17.73 -7.31 4.07
CA ARG A 174 -19.06 -6.80 4.40
C ARG A 174 -19.31 -5.44 3.80
N VAL A 175 -20.60 -5.09 3.71
CA VAL A 175 -21.04 -3.77 3.30
C VAL A 175 -20.23 -2.66 3.99
N GLU A 176 -20.03 -2.78 5.29
CA GLU A 176 -19.36 -1.73 6.06
C GLU A 176 -17.87 -1.58 5.72
N ASP A 177 -17.30 -2.56 5.01
CA ASP A 177 -15.89 -2.51 4.65
C ASP A 177 -15.63 -1.75 3.34
N VAL A 178 -16.68 -1.56 2.54
CA VAL A 178 -16.54 -1.01 1.19
C VAL A 178 -15.99 0.42 1.20
N PRO A 179 -15.01 0.73 0.33
CA PRO A 179 -14.53 2.11 0.25
C PRO A 179 -15.68 3.09 -0.04
N GLN A 180 -15.80 4.14 0.78
CA GLN A 180 -16.88 5.11 0.56
C GLN A 180 -16.79 5.72 -0.83
N ASP A 181 -15.58 5.92 -1.33
CA ASP A 181 -15.37 6.53 -2.65
C ASP A 181 -16.19 5.85 -3.76
N MET A 182 -16.37 4.54 -3.67
CA MET A 182 -17.00 3.82 -4.78
C MET A 182 -18.51 3.87 -4.69
N LEU A 183 -19.01 4.34 -3.56
CA LEU A 183 -20.45 4.47 -3.34
C LEU A 183 -20.96 5.88 -3.65
N ASP A 184 -20.10 6.90 -3.54
CA ASP A 184 -20.51 8.29 -3.69
C ASP A 184 -21.07 8.54 -5.09
N VAL A 185 -22.23 9.21 -5.14
CA VAL A 185 -22.83 9.60 -6.41
C VAL A 185 -23.16 11.09 -6.38
N GLY A 186 -23.06 11.75 -7.52
CA GLY A 186 -23.39 13.17 -7.60
C GLY A 186 -22.26 14.09 -7.19
N GLU A 187 -22.60 15.15 -6.45
CA GLU A 187 -21.65 16.15 -6.01
C GLU A 187 -20.50 15.57 -5.20
N LYS A 188 -20.76 14.47 -4.49
CA LYS A 188 -19.73 13.82 -3.68
C LYS A 188 -18.65 13.15 -4.54
N GLU A 189 -18.99 12.83 -5.80
CA GLU A 189 -18.03 12.17 -6.69
C GLU A 189 -16.87 13.10 -7.01
N THR A 190 -15.68 12.53 -7.15
CA THR A 190 -14.52 13.33 -7.49
C THR A 190 -13.88 12.74 -8.73
N LEU A 191 -12.99 13.48 -9.37
CA LEU A 191 -12.29 12.92 -10.53
C LEU A 191 -11.56 11.66 -10.10
N PHE A 192 -11.03 11.66 -8.88
CA PHE A 192 -10.34 10.49 -8.34
C PHE A 192 -11.30 9.31 -8.19
N SER A 193 -12.47 9.54 -7.60
CA SER A 193 -13.39 8.43 -7.43
C SER A 193 -13.88 7.88 -8.76
N ARG A 194 -14.11 8.77 -9.73
CA ARG A 194 -14.55 8.36 -11.06
CA ARG A 194 -14.56 8.34 -11.05
C ARG A 194 -13.48 7.52 -11.76
N THR A 195 -12.24 7.90 -11.56
CA THR A 195 -11.10 7.17 -12.11
C THR A 195 -11.04 5.75 -11.52
N LEU A 196 -11.14 5.64 -10.19
CA LEU A 196 -11.16 4.33 -9.57
C LEU A 196 -12.34 3.50 -10.06
N ASN A 197 -13.51 4.12 -10.19
CA ASN A 197 -14.68 3.38 -10.63
C ASN A 197 -14.61 2.90 -12.07
N SER A 198 -13.66 3.40 -12.84
CA SER A 198 -13.48 2.96 -14.23
C SER A 198 -12.56 1.75 -14.32
N LEU A 199 -12.01 1.31 -13.20
CA LEU A 199 -11.00 0.24 -13.23
C LEU A 199 -11.52 -1.09 -13.79
N GLY A 200 -12.81 -1.36 -13.59
CA GLY A 200 -13.40 -2.59 -14.12
C GLY A 200 -13.32 -2.65 -15.63
N VAL A 201 -13.42 -1.50 -16.29
CA VAL A 201 -13.34 -1.44 -17.73
C VAL A 201 -11.89 -1.26 -18.18
N VAL A 202 -11.11 -0.53 -17.39
CA VAL A 202 -9.72 -0.24 -17.73
C VAL A 202 -8.79 -1.46 -17.62
N LEU A 203 -8.85 -2.16 -16.49
CA LEU A 203 -7.90 -3.24 -16.20
C LEU A 203 -7.86 -4.43 -17.20
N PRO A 204 -9.02 -4.85 -17.75
CA PRO A 204 -8.93 -5.93 -18.74
C PRO A 204 -8.19 -5.54 -20.02
N GLN A 205 -7.93 -4.25 -20.21
CA GLN A 205 -7.23 -3.81 -21.42
C GLN A 205 -5.71 -3.88 -21.22
N ALA A 206 -5.29 -4.15 -19.99
CA ALA A 206 -3.86 -4.27 -19.69
C ALA A 206 -3.30 -5.58 -20.20
N LYS A 207 -2.11 -5.53 -20.77
CA LYS A 207 -1.39 -6.74 -21.19
C LYS A 207 -1.16 -7.66 -19.99
N ALA A 208 -0.87 -7.05 -18.85
CA ALA A 208 -0.76 -7.78 -17.59
C ALA A 208 -1.07 -6.83 -16.42
N VAL A 209 -1.58 -7.39 -15.34
CA VAL A 209 -1.73 -6.63 -14.10
C VAL A 209 -0.74 -7.24 -13.11
N VAL A 210 0.12 -6.39 -12.55
CA VAL A 210 1.15 -6.84 -11.61
C VAL A 210 0.74 -6.47 -10.19
N VAL A 211 0.55 -7.48 -9.34
CA VAL A 211 0.10 -7.24 -7.98
C VAL A 211 1.30 -7.29 -7.03
N ASN A 212 1.40 -6.26 -6.19
CA ASN A 212 2.53 -6.08 -5.27
C ASN A 212 2.26 -6.86 -3.97
N PHE A 213 2.14 -8.18 -4.08
CA PHE A 213 1.79 -8.98 -2.91
C PHE A 213 2.17 -10.44 -3.09
N PHE A 214 1.74 -11.28 -2.16
CA PHE A 214 2.06 -12.70 -2.16
C PHE A 214 0.84 -13.49 -2.58
N ALA A 215 0.89 -14.13 -3.75
CA ALA A 215 -0.27 -14.86 -4.26
C ALA A 215 -0.76 -15.92 -3.28
N GLU A 216 0.19 -16.52 -2.56
CA GLU A 216 -0.10 -17.59 -1.60
C GLU A 216 -0.96 -17.13 -0.43
N LEU A 217 -1.05 -15.82 -0.21
CA LEU A 217 -1.84 -15.26 0.88
C LEU A 217 -3.25 -14.85 0.48
N ASP A 218 -3.48 -14.69 -0.83
CA ASP A 218 -4.81 -14.31 -1.30
C ASP A 218 -5.68 -15.55 -1.40
N PRO A 219 -7.00 -15.38 -1.18
CA PRO A 219 -7.89 -16.54 -1.32
C PRO A 219 -7.81 -17.08 -2.75
N PRO A 220 -7.57 -18.40 -2.89
CA PRO A 220 -7.40 -19.00 -4.23
C PRO A 220 -8.56 -18.72 -5.18
N LEU A 221 -9.79 -18.68 -4.66
CA LEU A 221 -10.94 -18.34 -5.51
C LEU A 221 -10.93 -16.90 -6.00
N PHE A 222 -10.48 -15.99 -5.14
CA PHE A 222 -10.30 -14.61 -5.58
C PHE A 222 -9.27 -14.56 -6.71
N VAL A 223 -8.18 -15.32 -6.57
CA VAL A 223 -7.13 -15.30 -7.57
C VAL A 223 -7.68 -15.83 -8.88
N LYS A 224 -8.43 -16.94 -8.81
CA LYS A 224 -9.05 -17.50 -10.01
C LYS A 224 -10.04 -16.52 -10.63
N TYR A 225 -10.84 -15.88 -9.80
CA TYR A 225 -11.78 -14.87 -10.30
C TYR A 225 -11.05 -13.76 -11.07
N MET A 226 -9.96 -13.24 -10.51
CA MET A 226 -9.26 -12.16 -11.17
C MET A 226 -8.61 -12.63 -12.46
N ARG A 227 -8.13 -13.87 -12.49
CA ARG A 227 -7.53 -14.41 -13.71
CA ARG A 227 -7.53 -14.42 -13.71
C ARG A 227 -8.56 -14.46 -14.83
N SER A 228 -9.81 -14.69 -14.46
CA SER A 228 -10.90 -14.78 -15.44
C SER A 228 -11.27 -13.41 -16.00
N LYS A 229 -10.83 -12.35 -15.34
CA LYS A 229 -11.18 -11.00 -15.76
C LYS A 229 -10.07 -10.30 -16.53
N LEU A 230 -8.84 -10.79 -16.38
CA LEU A 230 -7.66 -10.08 -16.87
C LEU A 230 -6.92 -10.87 -17.94
N GLN A 231 -6.12 -10.17 -18.76
CA GLN A 231 -5.31 -10.85 -19.76
C GLN A 231 -4.23 -11.70 -19.09
N SER A 232 -3.69 -11.18 -18.01
CA SER A 232 -2.63 -11.86 -17.26
C SER A 232 -2.55 -11.27 -15.86
N LEU A 233 -2.50 -12.12 -14.84
CA LEU A 233 -2.35 -11.67 -13.48
C LEU A 233 -1.03 -12.18 -12.95
N LEU A 234 -0.15 -11.25 -12.57
CA LEU A 234 1.19 -11.61 -12.12
C LEU A 234 1.44 -11.04 -10.73
N TYR A 235 2.01 -11.85 -9.84
CA TYR A 235 2.37 -11.38 -8.52
C TYR A 235 3.89 -11.25 -8.44
N VAL A 236 4.37 -10.07 -8.10
CA VAL A 236 5.80 -9.87 -7.87
C VAL A 236 6.00 -9.49 -6.41
N VAL A 237 6.93 -10.19 -5.75
CA VAL A 237 7.17 -10.04 -4.33
C VAL A 237 7.43 -8.59 -3.97
N PRO A 238 6.68 -8.06 -3.00
CA PRO A 238 6.73 -6.63 -2.63
C PRO A 238 7.93 -6.25 -1.77
N LEU A 239 8.67 -7.24 -1.27
CA LEU A 239 9.84 -6.99 -0.44
C LEU A 239 10.84 -6.09 -1.16
N PRO A 240 11.53 -5.23 -0.39
CA PRO A 240 12.47 -4.27 -1.00
C PRO A 240 13.71 -4.95 -1.56
N CYS A 241 14.11 -4.57 -2.76
CA CYS A 241 15.41 -4.96 -3.26
C CYS A 241 16.43 -4.04 -2.57
N PRO A 242 17.68 -4.52 -2.41
CA PRO A 242 18.67 -3.75 -1.66
C PRO A 242 18.85 -2.30 -2.13
N GLN A 243 18.68 -2.04 -3.43
CA GLN A 243 18.90 -0.69 -3.96
C GLN A 243 17.78 0.28 -3.57
N LEU A 244 16.63 -0.25 -3.14
CA LEU A 244 15.55 0.62 -2.70
C LEU A 244 15.90 1.26 -1.36
N LEU A 245 16.58 0.50 -0.51
CA LEU A 245 16.85 0.92 0.85
C LEU A 245 17.89 2.04 0.95
N LEU A 246 17.59 3.02 1.78
CA LEU A 246 18.54 4.07 2.11
C LEU A 246 18.90 3.96 3.59
N PRO A 247 20.12 3.49 3.89
CA PRO A 247 20.68 3.40 5.25
C PRO A 247 20.34 4.64 6.07
N GLU A 248 19.82 4.43 7.26
CA GLU A 248 19.30 5.54 8.06
C GLU A 248 19.67 5.43 9.53
N ILE A 249 20.01 6.58 10.12
CA ILE A 249 20.34 6.64 11.54
C ILE A 249 19.07 6.53 12.39
N ASP A 250 19.06 5.53 13.27
CA ASP A 250 17.96 5.34 14.23
C ASP A 250 18.05 6.44 15.28
N SER A 251 17.65 7.65 14.89
CA SER A 251 17.82 8.84 15.74
C SER A 251 17.20 8.68 17.13
N ASN A 252 16.12 7.91 17.22
CA ASN A 252 15.43 7.73 18.50
C ASN A 252 15.87 6.50 19.26
N GLY A 253 16.79 5.72 18.70
CA GLY A 253 17.29 4.53 19.36
C GLY A 253 16.23 3.45 19.58
N CYS A 254 15.34 3.31 18.60
CA CYS A 254 14.23 2.37 18.68
C CYS A 254 14.68 0.94 18.88
N LEU A 255 15.64 0.51 18.06
CA LEU A 255 16.04 -0.89 18.07
C LEU A 255 16.76 -1.24 19.36
N SER A 256 17.59 -0.33 19.84
CA SER A 256 18.32 -0.54 21.09
C SER A 256 17.31 -0.62 22.22
N TRP A 257 16.34 0.28 22.18
CA TRP A 257 15.27 0.29 23.17
C TRP A 257 14.50 -1.04 23.13
N LEU A 258 14.18 -1.50 21.92
CA LEU A 258 13.47 -2.77 21.76
C LEU A 258 14.32 -3.96 22.24
N ASP A 259 15.65 -3.86 22.10
CA ASP A 259 16.53 -4.93 22.57
C ASP A 259 16.37 -5.20 24.07
N SER A 260 15.96 -4.17 24.80
CA SER A 260 15.86 -4.26 26.25
C SER A 260 14.51 -4.81 26.67
N LYS A 261 13.65 -5.10 25.70
CA LYS A 261 12.30 -5.59 25.98
C LYS A 261 12.18 -7.09 25.71
N SER A 262 11.17 -7.71 26.32
CA SER A 262 10.90 -9.14 26.16
C SER A 262 10.29 -9.46 24.80
N SER A 263 10.46 -10.70 24.32
CA SER A 263 9.95 -11.07 23.01
CA SER A 263 9.94 -11.11 23.02
C SER A 263 8.43 -10.91 22.96
N ARG A 264 7.94 -10.38 21.84
CA ARG A 264 6.50 -10.19 21.60
C ARG A 264 5.77 -9.46 22.74
N SER A 265 6.42 -8.47 23.35
CA SER A 265 5.81 -7.76 24.47
C SER A 265 5.40 -6.32 24.15
N VAL A 266 5.94 -5.77 23.05
CA VAL A 266 5.80 -4.34 22.77
C VAL A 266 4.71 -4.04 21.76
N ALA A 267 3.90 -3.02 22.02
CA ALA A 267 2.95 -2.55 21.02
C ALA A 267 3.57 -1.44 20.15
N TYR A 268 3.67 -1.68 18.84
CA TYR A 268 4.09 -0.64 17.92
C TYR A 268 2.84 -0.02 17.31
N VAL A 269 2.71 1.29 17.46
CA VAL A 269 1.52 2.00 17.02
C VAL A 269 1.89 3.02 15.96
N CYS A 270 1.23 2.95 14.82
CA CYS A 270 1.39 3.95 13.79
C CYS A 270 0.11 4.01 12.97
N PHE A 271 -0.60 5.12 12.98
CA PHE A 271 -1.81 5.16 12.17
C PHE A 271 -1.75 6.08 10.94
N GLY A 272 -0.62 6.06 10.24
CA GLY A 272 -0.53 6.61 8.90
C GLY A 272 -0.24 8.10 8.77
N THR A 273 0.00 8.54 7.53
CA THR A 273 0.36 9.92 7.22
C THR A 273 -0.46 10.46 6.05
N VAL A 274 -1.75 10.14 5.98
CA VAL A 274 -2.55 10.60 4.85
C VAL A 274 -3.87 11.25 5.27
N VAL A 275 -4.55 10.63 6.24
CA VAL A 275 -5.71 11.24 6.85
C VAL A 275 -5.39 11.50 8.32
N SER A 276 -5.73 12.69 8.80
CA SER A 276 -5.54 13.01 10.21
C SER A 276 -6.56 12.24 11.05
N PRO A 277 -6.09 11.54 12.09
CA PRO A 277 -7.03 10.87 12.98
C PRO A 277 -7.79 11.92 13.75
N PRO A 278 -9.06 11.65 14.08
CA PRO A 278 -9.80 12.58 14.95
C PRO A 278 -9.00 12.79 16.23
N PRO A 279 -8.85 14.05 16.67
CA PRO A 279 -8.10 14.29 17.90
C PRO A 279 -8.58 13.46 19.10
N GLN A 280 -9.89 13.23 19.19
CA GLN A 280 -10.42 12.44 20.29
C GLN A 280 -9.91 10.99 20.25
N GLU A 281 -9.62 10.48 19.06
CA GLU A 281 -9.05 9.13 18.97
C GLU A 281 -7.57 9.11 19.32
N VAL A 282 -6.87 10.20 19.01
CA VAL A 282 -5.48 10.32 19.43
C VAL A 282 -5.42 10.29 20.96
N VAL A 283 -6.30 11.06 21.60
CA VAL A 283 -6.39 11.05 23.05
C VAL A 283 -6.72 9.66 23.57
N ALA A 284 -7.68 9.00 22.93
CA ALA A 284 -8.08 7.64 23.33
C ALA A 284 -6.91 6.66 23.25
N VAL A 285 -6.14 6.77 22.16
CA VAL A 285 -4.96 5.91 21.99
C VAL A 285 -3.98 6.13 23.14
N ALA A 286 -3.68 7.38 23.46
CA ALA A 286 -2.78 7.68 24.57
C ALA A 286 -3.29 7.13 25.90
N GLU A 287 -4.56 7.39 26.22
CA GLU A 287 -5.14 6.90 27.48
C GLU A 287 -5.06 5.39 27.61
N ALA A 288 -5.37 4.69 26.52
CA ALA A 288 -5.36 3.22 26.51
C ALA A 288 -3.95 2.69 26.65
N LEU A 289 -3.02 3.30 25.93
CA LEU A 289 -1.63 2.86 26.04
C LEU A 289 -1.13 3.01 27.46
N GLU A 290 -1.38 4.17 28.07
CA GLU A 290 -0.93 4.40 29.43
C GLU A 290 -1.59 3.44 30.41
N GLU A 291 -2.91 3.29 30.29
CA GLU A 291 -3.64 2.46 31.23
CA GLU A 291 -3.67 2.45 31.20
C GLU A 291 -3.27 0.99 31.08
N SER A 292 -2.92 0.57 29.86
CA SER A 292 -2.61 -0.83 29.58
C SER A 292 -1.38 -1.31 30.32
N GLY A 293 -0.44 -0.40 30.57
CA GLY A 293 0.82 -0.74 31.22
C GLY A 293 1.83 -1.42 30.32
N PHE A 294 1.46 -1.68 29.05
CA PHE A 294 2.34 -2.41 28.15
C PHE A 294 3.41 -1.46 27.62
N PRO A 295 4.59 -2.01 27.29
CA PRO A 295 5.59 -1.18 26.62
C PRO A 295 5.13 -0.87 25.20
N PHE A 296 5.46 0.30 24.70
CA PHE A 296 4.98 0.71 23.39
C PHE A 296 5.95 1.65 22.68
N VAL A 297 5.91 1.62 21.36
CA VAL A 297 6.57 2.61 20.53
C VAL A 297 5.48 3.20 19.65
N TRP A 298 5.26 4.50 19.74
CA TRP A 298 4.20 5.14 18.98
C TRP A 298 4.85 6.15 18.03
N ALA A 299 4.72 5.89 16.74
CA ALA A 299 5.20 6.82 15.73
C ALA A 299 4.05 7.78 15.48
N LEU A 300 4.25 9.02 15.91
CA LEU A 300 3.21 10.03 15.93
C LEU A 300 3.76 11.35 15.37
N LYS A 301 3.04 11.96 14.43
CA LYS A 301 3.45 13.24 13.89
C LYS A 301 3.60 14.31 14.98
N GLU A 302 4.65 15.10 14.83
CA GLU A 302 5.04 16.14 15.77
C GLU A 302 3.89 17.09 16.12
N SER A 303 3.08 17.41 15.12
CA SER A 303 2.02 18.39 15.28
C SER A 303 0.91 17.87 16.18
N LEU A 304 0.91 16.56 16.44
CA LEU A 304 -0.09 15.96 17.30
C LEU A 304 0.33 15.90 18.78
N LEU A 305 1.59 16.25 19.07
CA LEU A 305 2.05 16.18 20.46
C LEU A 305 1.21 17.05 21.38
N SER A 306 0.73 18.18 20.87
CA SER A 306 0.02 19.17 21.69
C SER A 306 -1.37 18.69 22.13
N ILE A 307 -1.89 17.66 21.49
CA ILE A 307 -3.22 17.19 21.88
C ILE A 307 -3.20 15.94 22.76
N LEU A 308 -2.02 15.35 22.93
CA LEU A 308 -1.86 14.25 23.89
C LEU A 308 -2.21 14.76 25.28
N PRO A 309 -2.78 13.88 26.14
CA PRO A 309 -3.11 14.24 27.52
C PRO A 309 -1.91 14.87 28.21
N LYS A 310 -2.13 15.90 29.02
CA LYS A 310 -1.04 16.53 29.76
C LYS A 310 -0.33 15.48 30.63
N GLY A 311 1.00 15.43 30.51
CA GLY A 311 1.80 14.51 31.30
C GLY A 311 1.88 13.08 30.80
N PHE A 312 1.13 12.76 29.75
CA PHE A 312 1.12 11.39 29.23
C PHE A 312 2.51 10.90 28.81
N VAL A 313 3.21 11.70 28.00
CA VAL A 313 4.51 11.26 27.53
C VAL A 313 5.48 11.13 28.70
N GLU A 314 5.45 12.12 29.59
CA GLU A 314 6.31 12.10 30.76
C GLU A 314 6.04 10.90 31.67
N ARG A 315 4.77 10.65 31.99
CA ARG A 315 4.43 9.53 32.88
C ARG A 315 4.79 8.16 32.28
N THR A 316 4.72 8.03 30.96
CA THR A 316 4.99 6.74 30.31
C THR A 316 6.43 6.62 29.80
N SER A 317 7.27 7.60 30.10
CA SER A 317 8.59 7.66 29.47
C SER A 317 9.44 6.45 29.81
N THR A 318 9.19 5.84 30.97
CA THR A 318 10.00 4.71 31.39
C THR A 318 9.58 3.38 30.75
N ARG A 319 8.49 3.38 29.99
CA ARG A 319 8.02 2.15 29.35
C ARG A 319 7.56 2.35 27.92
N GLY A 320 7.66 3.57 27.42
CA GLY A 320 7.16 3.84 26.08
C GLY A 320 7.97 4.89 25.38
N LYS A 321 7.90 4.90 24.06
CA LYS A 321 8.58 5.90 23.26
C LYS A 321 7.55 6.51 22.33
N VAL A 322 7.41 7.83 22.38
CA VAL A 322 6.56 8.53 21.44
C VAL A 322 7.48 9.36 20.57
N VAL A 323 7.56 9.01 19.28
CA VAL A 323 8.56 9.59 18.40
C VAL A 323 7.95 9.97 17.06
N SER A 324 8.63 10.84 16.32
CA SER A 324 8.11 11.34 15.05
C SER A 324 8.32 10.37 13.91
N TRP A 325 9.33 9.51 14.04
CA TRP A 325 9.69 8.58 12.99
C TRP A 325 10.36 7.33 13.56
N VAL A 326 10.10 6.17 12.95
CA VAL A 326 10.84 4.95 13.28
C VAL A 326 11.27 4.27 11.98
N PRO A 327 12.35 3.49 12.04
CA PRO A 327 12.68 2.61 10.91
C PRO A 327 11.71 1.42 10.93
N GLN A 328 10.55 1.59 10.30
CA GLN A 328 9.44 0.65 10.52
C GLN A 328 9.76 -0.79 10.12
N SER A 329 10.47 -0.96 9.00
CA SER A 329 10.88 -2.29 8.54
C SER A 329 11.64 -3.01 9.63
N HIS A 330 12.58 -2.30 10.25
CA HIS A 330 13.39 -2.88 11.31
C HIS A 330 12.58 -3.06 12.58
N VAL A 331 11.68 -2.12 12.85
CA VAL A 331 10.84 -2.25 14.05
C VAL A 331 9.91 -3.46 13.94
N LEU A 332 9.26 -3.61 12.79
CA LEU A 332 8.35 -4.73 12.60
C LEU A 332 9.07 -6.07 12.54
N SER A 333 10.36 -6.05 12.21
CA SER A 333 11.13 -7.29 12.21
C SER A 333 11.81 -7.57 13.55
N HIS A 334 11.58 -6.72 14.55
CA HIS A 334 12.17 -6.94 15.86
C HIS A 334 11.32 -7.88 16.70
N GLY A 335 11.97 -8.88 17.27
CA GLY A 335 11.27 -9.93 18.00
C GLY A 335 10.51 -9.43 19.22
N SER A 336 10.87 -8.25 19.72
CA SER A 336 10.21 -7.67 20.89
C SER A 336 8.81 -7.14 20.59
N VAL A 337 8.52 -6.87 19.33
CA VAL A 337 7.22 -6.31 18.96
C VAL A 337 6.16 -7.41 18.92
N GLY A 338 5.10 -7.24 19.72
CA GLY A 338 4.09 -8.27 19.86
C GLY A 338 2.78 -7.93 19.17
N VAL A 339 2.57 -6.66 18.86
CA VAL A 339 1.36 -6.27 18.14
C VAL A 339 1.62 -4.97 17.39
N PHE A 340 1.00 -4.83 16.22
CA PHE A 340 1.09 -3.64 15.38
C PHE A 340 -0.30 -3.03 15.33
N VAL A 341 -0.42 -1.81 15.84
CA VAL A 341 -1.68 -1.09 15.87
C VAL A 341 -1.64 -0.15 14.67
N THR A 342 -2.53 -0.38 13.71
CA THR A 342 -2.32 0.16 12.37
C THR A 342 -3.61 0.62 11.70
N HIS A 343 -3.47 1.56 10.78
CA HIS A 343 -4.57 2.00 9.94
C HIS A 343 -4.81 1.04 8.75
N CYS A 344 -3.92 0.06 8.61
CA CYS A 344 -4.00 -0.95 7.54
C CYS A 344 -3.68 -0.44 6.14
N GLY A 345 -2.74 0.49 6.04
CA GLY A 345 -2.17 0.83 4.74
C GLY A 345 -1.50 -0.41 4.15
N ALA A 346 -1.51 -0.53 2.83
CA ALA A 346 -1.01 -1.76 2.18
C ALA A 346 0.43 -2.13 2.53
N ASN A 347 1.37 -1.19 2.48
CA ASN A 347 2.76 -1.52 2.78
C ASN A 347 2.98 -1.90 4.24
N SER A 348 2.29 -1.20 5.15
CA SER A 348 2.35 -1.50 6.57
C SER A 348 1.89 -2.93 6.81
N VAL A 349 0.77 -3.31 6.20
CA VAL A 349 0.25 -4.66 6.35
C VAL A 349 1.23 -5.69 5.81
N MET A 350 1.78 -5.41 4.63
CA MET A 350 2.77 -6.29 4.01
C MET A 350 3.93 -6.55 4.97
N GLU A 351 4.44 -5.47 5.58
CA GLU A 351 5.56 -5.58 6.50
C GLU A 351 5.16 -6.36 7.75
N SER A 352 3.94 -6.13 8.21
CA SER A 352 3.50 -6.82 9.43
C SER A 352 3.38 -8.33 9.20
N VAL A 353 2.71 -8.73 8.12
CA VAL A 353 2.48 -10.16 7.92
C VAL A 353 3.77 -10.89 7.56
N SER A 354 4.69 -10.21 6.87
CA SER A 354 5.93 -10.86 6.50
C SER A 354 6.83 -11.07 7.70
N ASN A 355 6.55 -10.36 8.80
CA ASN A 355 7.33 -10.49 10.02
C ASN A 355 6.64 -11.24 11.17
N GLY A 356 5.44 -11.75 10.90
CA GLY A 356 4.69 -12.49 11.91
C GLY A 356 4.14 -11.64 13.04
N VAL A 357 3.86 -10.38 12.77
CA VAL A 357 3.33 -9.52 13.82
C VAL A 357 1.82 -9.37 13.66
N PRO A 358 1.05 -9.78 14.69
CA PRO A 358 -0.40 -9.70 14.63
C PRO A 358 -0.85 -8.24 14.75
N MET A 359 -2.07 -7.93 14.31
CA MET A 359 -2.48 -6.53 14.21
C MET A 359 -3.75 -6.17 14.96
N ILE A 360 -3.83 -4.92 15.41
CA ILE A 360 -5.08 -4.32 15.86
C ILE A 360 -5.36 -3.21 14.87
N CYS A 361 -6.54 -3.24 14.26
CA CYS A 361 -6.82 -2.46 13.06
C CYS A 361 -7.85 -1.39 13.31
N ARG A 362 -7.55 -0.18 12.84
CA ARG A 362 -8.55 0.89 12.79
C ARG A 362 -8.45 1.51 11.41
N PRO A 363 -9.20 0.97 10.44
CA PRO A 363 -9.14 1.51 9.08
C PRO A 363 -9.79 2.89 9.00
N PHE A 364 -9.19 3.81 8.26
CA PHE A 364 -9.67 5.18 8.20
C PHE A 364 -10.18 5.57 6.82
N PHE A 365 -9.57 5.02 5.78
CA PHE A 365 -9.64 5.63 4.46
C PHE A 365 -9.44 4.59 3.35
N GLY A 366 -10.04 4.82 2.19
CA GLY A 366 -9.76 3.99 1.02
C GLY A 366 -10.08 2.52 1.19
N ASP A 367 -9.13 1.66 0.83
CA ASP A 367 -9.34 0.21 0.96
C ASP A 367 -8.78 -0.37 2.27
N GLN A 368 -8.50 0.50 3.25
CA GLN A 368 -8.03 0.04 4.54
C GLN A 368 -9.05 -0.87 5.21
N GLY A 369 -10.32 -0.61 4.95
CA GLY A 369 -11.40 -1.43 5.50
C GLY A 369 -11.39 -2.84 4.97
N ILE A 370 -11.01 -2.98 3.69
CA ILE A 370 -10.89 -4.30 3.09
C ILE A 370 -9.73 -5.05 3.76
N ALA A 371 -8.60 -4.36 3.92
CA ALA A 371 -7.45 -4.95 4.57
C ALA A 371 -7.76 -5.39 5.98
N ALA A 372 -8.47 -4.55 6.73
CA ALA A 372 -8.80 -4.85 8.11
C ALA A 372 -9.66 -6.11 8.17
N ARG A 373 -10.64 -6.22 7.27
CA ARG A 373 -11.50 -7.40 7.22
C ARG A 373 -10.72 -8.66 6.87
N VAL A 374 -9.83 -8.56 5.89
CA VAL A 374 -9.01 -9.72 5.51
C VAL A 374 -8.17 -10.16 6.71
N ILE A 375 -7.57 -9.18 7.38
CA ILE A 375 -6.74 -9.47 8.54
C ILE A 375 -7.51 -10.21 9.63
N GLN A 376 -8.70 -9.71 9.96
CA GLN A 376 -9.46 -10.30 11.06
C GLN A 376 -10.16 -11.61 10.67
N ASP A 377 -10.80 -11.65 9.50
CA ASP A 377 -11.75 -12.74 9.22
C ASP A 377 -11.26 -13.79 8.21
N ILE A 378 -10.22 -13.45 7.47
CA ILE A 378 -9.67 -14.39 6.49
C ILE A 378 -8.34 -14.98 6.97
N TRP A 379 -7.31 -14.14 7.06
CA TRP A 379 -6.03 -14.58 7.63
C TRP A 379 -6.13 -14.90 9.11
N GLU A 380 -7.06 -14.22 9.79
CA GLU A 380 -7.18 -14.28 11.26
C GLU A 380 -5.86 -14.02 11.99
N VAL A 381 -5.20 -12.92 11.63
CA VAL A 381 -3.92 -12.54 12.23
C VAL A 381 -4.05 -11.23 12.96
N GLY A 382 -5.28 -10.89 13.32
CA GLY A 382 -5.52 -9.66 14.04
C GLY A 382 -7.00 -9.41 14.29
N VAL A 383 -7.29 -8.26 14.88
CA VAL A 383 -8.68 -7.85 15.16
C VAL A 383 -8.89 -6.42 14.71
N ILE A 384 -10.12 -6.11 14.33
CA ILE A 384 -10.49 -4.71 14.16
C ILE A 384 -10.78 -4.22 15.56
N VAL A 385 -10.28 -3.03 15.91
CA VAL A 385 -10.30 -2.59 17.28
C VAL A 385 -11.74 -2.63 17.79
N GLU A 386 -11.90 -3.05 19.04
CA GLU A 386 -13.23 -3.20 19.60
C GLU A 386 -13.87 -1.82 19.65
N GLY A 387 -15.00 -1.68 18.97
CA GLY A 387 -15.67 -0.39 18.84
C GLY A 387 -15.61 0.20 17.44
N LYS A 388 -14.64 -0.28 16.65
CA LYS A 388 -14.40 0.18 15.27
C LYS A 388 -13.78 1.58 15.19
N VAL A 389 -13.69 2.23 16.34
CA VAL A 389 -12.95 3.47 16.46
C VAL A 389 -12.16 3.33 17.75
N PHE A 390 -11.07 4.06 17.89
CA PHE A 390 -10.28 3.96 19.11
C PHE A 390 -11.04 4.56 20.27
N THR A 391 -11.18 3.76 21.33
CA THR A 391 -11.68 4.26 22.60
C THR A 391 -10.73 3.70 23.63
N LYS A 392 -10.67 4.29 24.82
CA LYS A 392 -9.76 3.79 25.85
CA LYS A 392 -9.78 3.81 25.86
C LYS A 392 -10.07 2.35 26.23
N ASN A 393 -11.30 2.08 26.66
CA ASN A 393 -11.65 0.74 27.12
C ASN A 393 -11.54 -0.31 26.03
N GLY A 394 -11.99 0.02 24.82
CA GLY A 394 -11.98 -0.93 23.72
C GLY A 394 -10.57 -1.30 23.29
N PHE A 395 -9.71 -0.29 23.16
CA PHE A 395 -8.34 -0.50 22.73
C PHE A 395 -7.54 -1.27 23.80
N VAL A 396 -7.77 -0.97 25.07
CA VAL A 396 -7.13 -1.72 26.14
C VAL A 396 -7.48 -3.20 26.01
N LYS A 397 -8.76 -3.49 25.74
CA LYS A 397 -9.18 -4.88 25.58
C LYS A 397 -8.48 -5.55 24.39
N SER A 398 -8.36 -4.84 23.27
CA SER A 398 -7.68 -5.41 22.10
C SER A 398 -6.20 -5.66 22.38
N LEU A 399 -5.57 -4.73 23.10
CA LEU A 399 -4.15 -4.87 23.44
C LEU A 399 -3.95 -6.10 24.31
N ASN A 400 -4.83 -6.30 25.29
CA ASN A 400 -4.70 -7.47 26.15
C ASN A 400 -4.92 -8.78 25.43
N LEU A 401 -5.92 -8.79 24.56
CA LEU A 401 -6.27 -9.98 23.79
C LEU A 401 -5.06 -10.50 23.01
N ILE A 402 -4.45 -9.61 22.23
CA ILE A 402 -3.34 -10.00 21.37
C ILE A 402 -2.02 -10.22 22.13
N LEU A 403 -1.69 -9.31 23.05
CA LEU A 403 -0.37 -9.39 23.71
C LEU A 403 -0.23 -10.48 24.78
N VAL A 404 -1.27 -10.69 25.59
CA VAL A 404 -1.11 -11.53 26.77
C VAL A 404 -2.14 -12.64 27.01
N GLN A 405 -3.37 -12.46 26.55
CA GLN A 405 -4.44 -13.41 26.89
C GLN A 405 -4.41 -14.71 26.07
N GLU A 406 -4.78 -15.82 26.72
CA GLU A 406 -4.80 -17.13 26.05
C GLU A 406 -5.82 -17.11 24.92
N ASP A 407 -6.86 -16.27 25.06
CA ASP A 407 -7.85 -16.09 24.00
C ASP A 407 -7.28 -15.53 22.69
N GLY A 408 -6.08 -14.94 22.76
CA GLY A 408 -5.45 -14.40 21.58
C GLY A 408 -4.43 -15.36 20.97
N LYS A 409 -4.36 -16.57 21.52
CA LYS A 409 -3.33 -17.52 21.08
C LYS A 409 -3.50 -17.95 19.62
N LYS A 410 -4.74 -18.16 19.20
CA LYS A 410 -5.00 -18.54 17.81
C LYS A 410 -4.45 -17.47 16.86
N ILE A 411 -4.74 -16.22 17.16
CA ILE A 411 -4.25 -15.12 16.33
C ILE A 411 -2.72 -15.05 16.30
N ARG A 412 -2.10 -15.21 17.47
CA ARG A 412 -0.64 -15.22 17.55
C ARG A 412 -0.07 -16.38 16.75
N ASP A 413 -0.68 -17.55 16.87
CA ASP A 413 -0.22 -18.73 16.13
C ASP A 413 -0.37 -18.53 14.64
N ASN A 414 -1.51 -17.95 14.25
CA ASN A 414 -1.77 -17.69 12.84
C ASN A 414 -0.76 -16.73 12.24
N ALA A 415 -0.35 -15.73 13.02
CA ALA A 415 0.62 -14.77 12.52
C ALA A 415 1.93 -15.47 12.17
N LEU A 416 2.32 -16.44 13.00
CA LEU A 416 3.55 -17.18 12.73
C LEU A 416 3.39 -18.06 11.50
N LYS A 417 2.22 -18.68 11.35
CA LYS A 417 1.98 -19.50 10.16
C LYS A 417 2.01 -18.69 8.89
N VAL A 418 1.46 -17.49 8.94
CA VAL A 418 1.44 -16.63 7.76
C VAL A 418 2.85 -16.16 7.42
N LYS A 419 3.66 -15.91 8.45
CA LYS A 419 5.06 -15.54 8.22
C LYS A 419 5.78 -16.66 7.46
N GLN A 420 5.54 -17.91 7.85
CA GLN A 420 6.18 -19.03 7.19
C GLN A 420 5.70 -19.15 5.74
N ILE A 421 4.42 -18.91 5.50
CA ILE A 421 3.88 -18.89 4.15
C ILE A 421 4.57 -17.83 3.28
N VAL A 422 4.75 -16.63 3.84
CA VAL A 422 5.44 -15.57 3.12
C VAL A 422 6.89 -15.99 2.83
N GLN A 423 7.56 -16.56 3.82
CA GLN A 423 8.97 -16.97 3.62
C GLN A 423 9.07 -17.97 2.48
N ASP A 424 8.14 -18.91 2.41
CA ASP A 424 8.14 -19.86 1.29
C ASP A 424 7.68 -19.24 -0.04
N ALA A 425 6.90 -18.16 0.03
CA ALA A 425 6.40 -17.47 -1.17
C ALA A 425 7.50 -16.68 -1.88
N VAL A 426 8.40 -16.07 -1.10
CA VAL A 426 9.49 -15.27 -1.66
C VAL A 426 10.67 -16.16 -2.03
N GLY A 427 10.55 -17.45 -1.76
CA GLY A 427 11.55 -18.41 -2.15
C GLY A 427 11.67 -18.55 -3.65
N PRO A 428 12.73 -19.22 -4.12
CA PRO A 428 13.09 -19.39 -5.53
C PRO A 428 12.07 -20.20 -6.32
N HIS A 429 11.11 -20.80 -5.61
CA HIS A 429 10.09 -21.62 -6.24
C HIS A 429 8.68 -21.07 -6.03
N GLY A 430 8.58 -19.93 -5.36
CA GLY A 430 7.29 -19.29 -5.17
C GLY A 430 6.70 -18.92 -6.52
N GLN A 431 5.41 -18.61 -6.54
CA GLN A 431 4.76 -18.23 -7.79
C GLN A 431 5.44 -17.01 -8.37
N ALA A 432 5.80 -16.10 -7.47
CA ALA A 432 6.32 -14.79 -7.84
C ALA A 432 7.61 -14.89 -8.64
N ALA A 433 8.43 -15.89 -8.37
CA ALA A 433 9.67 -16.02 -9.12
C ALA A 433 9.34 -16.27 -10.59
N GLU A 434 8.38 -17.16 -10.83
CA GLU A 434 7.94 -17.42 -12.20
C GLU A 434 7.24 -16.18 -12.78
N ASP A 435 6.40 -15.54 -11.99
CA ASP A 435 5.66 -14.39 -12.48
C ASP A 435 6.58 -13.23 -12.82
N PHE A 436 7.66 -13.06 -12.05
CA PHE A 436 8.63 -12.03 -12.34
C PHE A 436 9.30 -12.31 -13.69
N ASN A 437 9.66 -13.57 -13.92
CA ASN A 437 10.26 -13.94 -15.19
CA ASN A 437 10.26 -13.92 -15.20
C ASN A 437 9.29 -13.69 -16.35
N THR A 438 8.01 -13.96 -16.12
CA THR A 438 7.00 -13.72 -17.14
C THR A 438 6.94 -12.24 -17.50
N LEU A 439 7.00 -11.39 -16.47
CA LEU A 439 6.99 -9.94 -16.66
C LEU A 439 8.22 -9.49 -17.44
N VAL A 440 9.39 -10.01 -17.07
CA VAL A 440 10.62 -9.68 -17.77
C VAL A 440 10.51 -10.01 -19.26
N GLU A 441 9.91 -11.16 -19.59
CA GLU A 441 9.79 -11.55 -20.98
CA GLU A 441 9.74 -11.58 -20.97
C GLU A 441 8.75 -10.70 -21.73
N VAL A 442 7.72 -10.21 -21.03
CA VAL A 442 6.79 -9.29 -21.70
C VAL A 442 7.56 -8.05 -22.18
N ILE A 443 8.42 -7.54 -21.30
CA ILE A 443 9.22 -6.37 -21.62
C ILE A 443 10.23 -6.65 -22.73
N SER A 444 10.89 -7.81 -22.68
CA SER A 444 11.87 -8.14 -23.72
C SER A 444 11.21 -8.48 -25.07
N SER A 445 9.95 -8.89 -25.04
CA SER A 445 9.24 -9.28 -26.26
C SER A 445 8.54 -8.09 -26.93
N SER A 446 8.41 -7.00 -26.18
CA SER A 446 7.70 -5.82 -26.67
C SER A 446 8.45 -5.11 -27.79
#